data_7P9O
#
_entry.id   7P9O
#
_cell.length_a   79.990
_cell.length_b   38.890
_cell.length_c   90.650
_cell.angle_alpha   90.000
_cell.angle_beta   105.620
_cell.angle_gamma   90.000
#
_symmetry.space_group_name_H-M   'C 1 2 1'
#
loop_
_entity.id
_entity.type
_entity.pdbx_description
1 polymer 'Ribosomal RNA large subunit methyltransferase J'
2 non-polymer "5'-{[(3S)-3-amino-3-carboxypropyl]amino}-5'-deoxyadenosine"
3 water water
#
_entity_poly.entity_id   1
_entity_poly.type   'polypeptide(L)'
_entity_poly.pdbx_seq_one_letter_code
;MLSYRHSFHAGNHADVLKHTVQSLIIESLKEKDKPFLYLDTHAGAGRYQLGSEHAERTGKYLEGIARIWQQDDLPAELEA
YINVVKHFNRSGQLRYYPGSPLIARQLLREQDSLQLTELHPSDYPLLRSEFQKDSRARVEKADGFQQLKAKLPPVSRRGL
ILIDPPYEMKTDYQAVVSGIAEGYKRFATGTYALWYPVVLRQQIKRMIHDLEATGIRKILQIELAVLPDSDRRGMTASGM
IVINPPWKLEQQMNNVLPWLHSKLVPAGTGHATVSWIVPE
;
_entity_poly.pdbx_strand_id   A
#
# COMPACT_ATOMS: atom_id res chain seq x y z
N LEU A 2 -0.03 21.56 -14.53
CA LEU A 2 -1.07 20.65 -14.07
C LEU A 2 -1.37 20.88 -12.58
N SER A 3 -2.61 20.64 -12.18
CA SER A 3 -3.05 20.77 -10.79
C SER A 3 -3.06 19.40 -10.14
N TYR A 4 -2.67 19.36 -8.87
CA TYR A 4 -2.69 18.12 -8.11
C TYR A 4 -4.13 17.65 -7.86
N ARG A 5 -4.37 16.36 -8.05
CA ARG A 5 -5.69 15.76 -7.75
C ARG A 5 -6.06 15.91 -6.29
N HIS A 6 -7.36 16.12 -6.02
CA HIS A 6 -7.83 16.13 -4.63
C HIS A 6 -8.37 14.73 -4.36
N SER A 7 -8.56 14.40 -3.09
CA SER A 7 -9.18 13.10 -2.70
C SER A 7 -9.65 13.25 -1.27
N PHE A 8 -10.95 13.34 -1.11
CA PHE A 8 -11.55 13.45 0.21
C PHE A 8 -11.04 12.39 1.18
N HIS A 9 -10.68 11.19 0.67
CA HIS A 9 -10.29 10.07 1.51
C HIS A 9 -8.78 9.90 1.65
N ALA A 10 -7.98 10.80 1.09
CA ALA A 10 -6.53 10.60 1.11
C ALA A 10 -5.99 10.74 2.53
N GLY A 11 -5.14 9.80 2.94
CA GLY A 11 -4.57 9.83 4.28
C GLY A 11 -5.46 9.27 5.37
N ASN A 12 -6.56 8.61 5.02
CA ASN A 12 -7.42 7.95 6.00
C ASN A 12 -6.69 6.76 6.63
N HIS A 13 -7.42 6.01 7.47
CA HIS A 13 -6.79 4.90 8.19
C HIS A 13 -6.19 3.89 7.23
N ALA A 14 -6.84 3.67 6.10
CA ALA A 14 -6.41 2.64 5.16
C ALA A 14 -5.07 3.01 4.51
N ASP A 15 -4.86 4.27 4.15
CA ASP A 15 -3.57 4.77 3.64
C ASP A 15 -2.46 4.63 4.70
N VAL A 16 -2.74 5.07 5.92
CA VAL A 16 -1.78 4.95 7.05
C VAL A 16 -1.30 3.48 7.15
N LEU A 17 -2.21 2.52 7.21
CA LEU A 17 -1.84 1.08 7.23
C LEU A 17 -0.99 0.67 5.99
N LYS A 18 -1.54 0.83 4.79
CA LYS A 18 -0.91 0.38 3.51
C LYS A 18 0.46 1.04 3.32
N HIS A 19 0.52 2.33 3.57
CA HIS A 19 1.79 3.10 3.40
C HIS A 19 2.79 2.78 4.54
N THR A 20 2.28 2.52 5.75
CA THR A 20 3.21 2.06 6.79
C THR A 20 3.89 0.77 6.36
N VAL A 21 3.09 -0.21 5.95
CA VAL A 21 3.59 -1.52 5.56
C VAL A 21 4.49 -1.40 4.33
N GLN A 22 4.04 -0.66 3.31
CA GLN A 22 4.87 -0.44 2.14
C GLN A 22 6.23 0.11 2.53
N SER A 23 6.26 1.11 3.41
CA SER A 23 7.55 1.70 3.77
C SER A 23 8.39 0.72 4.57
N LEU A 24 7.76 -0.12 5.41
CA LEU A 24 8.53 -1.11 6.15
C LEU A 24 9.17 -2.14 5.22
N ILE A 25 8.43 -2.55 4.18
CA ILE A 25 8.99 -3.49 3.22
C ILE A 25 10.14 -2.85 2.47
N ILE A 26 9.99 -1.58 2.10
CA ILE A 26 11.03 -0.88 1.36
C ILE A 26 12.29 -0.75 2.21
N GLU A 27 12.15 -0.23 3.42
CA GLU A 27 13.32 -0.08 4.29
C GLU A 27 14.00 -1.40 4.52
N SER A 28 13.24 -2.49 4.45
CA SER A 28 13.74 -3.81 4.74
C SER A 28 14.48 -4.38 3.53
N LEU A 29 13.93 -4.15 2.33
CA LEU A 29 14.65 -4.53 1.12
C LEU A 29 15.93 -3.71 0.96
N LYS A 30 15.97 -2.50 1.54
CA LYS A 30 17.12 -1.62 1.39
C LYS A 30 18.29 -1.99 2.28
N GLU A 31 18.13 -2.98 3.16
CA GLU A 31 19.25 -3.37 4.00
C GLU A 31 20.41 -3.90 3.14
N LYS A 32 20.10 -4.56 2.02
CA LYS A 32 21.12 -5.00 1.06
C LYS A 32 21.34 -3.94 -0.01
N ASP A 33 22.60 -3.61 -0.28
CA ASP A 33 22.92 -2.55 -1.23
C ASP A 33 23.01 -3.11 -2.66
N LYS A 34 21.97 -3.83 -3.07
CA LYS A 34 21.76 -4.38 -4.40
C LYS A 34 20.41 -3.90 -4.92
N PRO A 35 20.33 -3.34 -6.12
CA PRO A 35 19.07 -2.75 -6.59
C PRO A 35 17.90 -3.71 -6.46
N PHE A 36 16.71 -3.14 -6.29
CA PHE A 36 15.48 -3.89 -6.36
C PHE A 36 14.46 -3.09 -7.13
N LEU A 37 13.35 -3.74 -7.43
CA LEU A 37 12.30 -3.15 -8.22
C LEU A 37 11.07 -2.94 -7.35
N TYR A 38 10.43 -1.80 -7.53
CA TYR A 38 9.15 -1.51 -6.92
C TYR A 38 8.11 -1.43 -8.03
N LEU A 39 7.21 -2.39 -8.06
CA LEU A 39 6.12 -2.41 -9.04
C LEU A 39 4.81 -2.07 -8.34
N ASP A 40 4.12 -1.06 -8.86
CA ASP A 40 2.90 -0.49 -8.28
C ASP A 40 1.82 -0.64 -9.34
N THR A 41 0.95 -1.65 -9.20
CA THR A 41 0.04 -2.00 -10.29
C THR A 41 -1.04 -0.96 -10.49
N HIS A 42 -1.51 -0.36 -9.42
CA HIS A 42 -2.60 0.63 -9.46
C HIS A 42 -1.97 1.80 -8.73
N ALA A 43 -1.33 2.72 -9.44
CA ALA A 43 -0.47 3.70 -8.80
C ALA A 43 -1.19 4.97 -8.37
N GLY A 44 -2.39 5.22 -8.87
CA GLY A 44 -3.06 6.46 -8.52
C GLY A 44 -2.39 7.66 -9.17
N ALA A 45 -2.65 8.82 -8.58
CA ALA A 45 -2.22 10.08 -9.15
C ALA A 45 -0.79 10.47 -8.76
N GLY A 46 -0.30 9.97 -7.65
CA GLY A 46 0.99 10.38 -7.15
C GLY A 46 0.90 11.03 -5.79
N ARG A 47 0.24 12.18 -5.73
CA ARG A 47 -0.03 12.87 -4.44
C ARG A 47 -1.48 13.35 -4.44
N TYR A 48 -1.92 13.91 -3.32
CA TYR A 48 -3.29 14.37 -3.22
C TYR A 48 -3.31 15.64 -2.40
N GLN A 49 -3.89 16.67 -2.99
CA GLN A 49 -4.10 17.92 -2.28
C GLN A 49 -5.18 17.70 -1.24
N LEU A 50 -4.89 18.10 -0.01
CA LEU A 50 -5.78 17.91 1.12
C LEU A 50 -6.58 19.19 1.37
N GLY A 51 -7.85 19.01 1.74
CA GLY A 51 -8.71 20.15 2.06
C GLY A 51 -9.52 20.64 0.87
N SER A 52 -10.05 21.87 1.01
CA SER A 52 -10.95 22.54 0.04
C SER A 52 -11.02 21.87 -1.35
N THR A 58 -11.21 19.94 5.95
CA THR A 58 -12.14 18.88 5.57
C THR A 58 -11.36 17.71 4.96
N GLY A 59 -11.94 16.53 4.97
CA GLY A 59 -11.28 15.36 4.43
C GLY A 59 -10.97 14.35 5.51
N LYS A 60 -10.84 13.09 5.10
CA LYS A 60 -10.64 12.04 6.09
C LYS A 60 -9.22 12.00 6.64
N TYR A 61 -8.28 12.81 6.08
CA TYR A 61 -6.92 12.86 6.61
C TYR A 61 -6.93 13.34 8.05
N LEU A 62 -7.88 14.21 8.40
CA LEU A 62 -7.95 14.67 9.79
C LEU A 62 -8.19 13.52 10.76
N GLU A 63 -8.78 12.42 10.28
CA GLU A 63 -9.03 11.30 11.16
C GLU A 63 -7.97 10.21 11.05
N GLY A 64 -6.95 10.41 10.21
CA GLY A 64 -5.98 9.37 9.89
C GLY A 64 -4.56 9.87 10.03
N ILE A 65 -3.94 10.31 8.92
CA ILE A 65 -2.54 10.72 8.99
C ILE A 65 -2.35 11.88 9.97
N ALA A 66 -3.29 12.84 9.98
CA ALA A 66 -3.21 13.96 10.92
C ALA A 66 -3.07 13.48 12.36
N ARG A 67 -3.66 12.33 12.69
CA ARG A 67 -3.62 11.86 14.06
C ARG A 67 -2.33 11.13 14.45
N ILE A 68 -1.46 10.77 13.52
CA ILE A 68 -0.21 10.13 13.90
C ILE A 68 1.02 10.98 13.58
N TRP A 69 0.99 11.87 12.57
CA TRP A 69 2.28 12.35 12.01
C TRP A 69 3.08 13.22 12.97
N GLN A 70 2.43 13.87 13.94
CA GLN A 70 3.16 14.72 14.88
C GLN A 70 3.18 14.19 16.31
N GLN A 71 2.85 12.92 16.54
CA GLN A 71 2.83 12.37 17.89
C GLN A 71 4.24 12.27 18.47
N ASP A 72 4.40 12.68 19.73
CA ASP A 72 5.71 12.71 20.39
C ASP A 72 6.29 11.33 20.68
N ASP A 73 5.44 10.30 20.79
CA ASP A 73 5.82 8.92 21.00
C ASP A 73 5.75 8.09 19.72
N LEU A 74 5.86 8.73 18.55
CA LEU A 74 5.79 7.99 17.30
C LEU A 74 6.72 6.77 17.32
N PRO A 75 6.18 5.56 17.17
CA PRO A 75 7.04 4.37 17.07
C PRO A 75 8.08 4.48 15.97
N ALA A 76 9.30 4.02 16.27
CA ALA A 76 10.38 4.15 15.32
C ALA A 76 10.09 3.43 14.01
N GLU A 77 9.18 2.46 14.01
CA GLU A 77 8.83 1.75 12.78
C GLU A 77 7.93 2.57 11.85
N LEU A 78 7.55 3.80 12.24
CA LEU A 78 6.80 4.68 11.36
C LEU A 78 7.63 5.87 10.92
N GLU A 79 8.88 5.95 11.37
CA GLU A 79 9.71 7.12 11.08
C GLU A 79 9.95 7.29 9.58
N ALA A 80 10.29 6.20 8.88
CA ALA A 80 10.54 6.32 7.44
C ALA A 80 9.31 6.89 6.74
N TYR A 81 8.15 6.35 7.07
CA TYR A 81 6.90 6.78 6.46
C TYR A 81 6.60 8.25 6.79
N ILE A 82 6.64 8.60 8.06
CA ILE A 82 6.24 9.94 8.48
C ILE A 82 7.23 10.99 7.96
N ASN A 83 8.52 10.65 7.86
CA ASN A 83 9.49 11.56 7.24
C ASN A 83 9.11 11.86 5.79
N VAL A 84 8.51 10.90 5.05
CA VAL A 84 8.09 11.19 3.68
C VAL A 84 6.86 12.10 3.66
N VAL A 85 5.91 11.88 4.55
CA VAL A 85 4.82 12.86 4.66
C VAL A 85 5.42 14.24 4.94
N LYS A 86 6.33 14.34 5.90
CA LYS A 86 6.89 15.63 6.29
C LYS A 86 7.55 16.33 5.10
N HIS A 87 8.39 15.60 4.34
CA HIS A 87 9.05 16.13 3.13
C HIS A 87 8.07 16.87 2.25
N PHE A 88 6.87 16.35 2.18
CA PHE A 88 5.88 16.98 1.33
C PHE A 88 5.07 18.04 2.07
N ASN A 89 5.46 18.34 3.31
CA ASN A 89 4.70 19.25 4.14
C ASN A 89 5.71 19.96 5.04
N ARG A 90 6.50 20.84 4.40
CA ARG A 90 7.54 21.56 5.12
C ARG A 90 6.96 22.63 6.05
N SER A 91 5.83 23.21 5.67
CA SER A 91 5.20 24.21 6.51
C SER A 91 4.76 23.65 7.86
N GLY A 92 4.74 22.33 8.03
CA GLY A 92 4.31 21.77 9.28
C GLY A 92 2.81 21.72 9.49
N GLN A 93 2.02 22.09 8.50
CA GLN A 93 0.63 21.63 8.45
C GLN A 93 0.46 20.73 7.24
N LEU A 94 -0.62 19.94 7.27
CA LEU A 94 -0.89 18.92 6.27
C LEU A 94 -1.53 19.60 5.05
N ARG A 95 -0.78 19.70 3.96
CA ARG A 95 -1.33 20.21 2.70
C ARG A 95 -1.46 19.15 1.62
N TYR A 96 -0.52 18.20 1.55
CA TYR A 96 -0.51 17.17 0.53
C TYR A 96 -0.22 15.82 1.18
N TYR A 97 -0.89 14.76 0.64
CA TYR A 97 -0.62 13.42 1.11
C TYR A 97 0.01 12.60 0.01
N PRO A 98 1.17 11.98 0.26
CA PRO A 98 1.82 11.18 -0.80
C PRO A 98 1.21 9.78 -0.97
N GLY A 99 0.83 9.46 -2.18
CA GLY A 99 0.46 8.10 -2.49
C GLY A 99 1.66 7.17 -2.63
N SER A 100 1.36 5.88 -2.71
CA SER A 100 2.31 4.78 -2.89
C SER A 100 3.48 5.12 -3.82
N PRO A 101 3.26 5.80 -4.96
CA PRO A 101 4.39 6.03 -5.88
C PRO A 101 5.41 6.99 -5.33
N LEU A 102 5.00 7.95 -4.51
CA LEU A 102 5.92 8.93 -3.95
C LEU A 102 6.56 8.46 -2.65
N ILE A 103 5.86 7.64 -1.87
CA ILE A 103 6.53 6.87 -0.84
C ILE A 103 7.73 6.16 -1.47
N ALA A 104 7.48 5.46 -2.58
CA ALA A 104 8.57 4.76 -3.26
C ALA A 104 9.59 5.75 -3.82
N ARG A 105 9.14 6.73 -4.62
CA ARG A 105 10.08 7.67 -5.21
C ARG A 105 11.04 8.21 -4.17
N GLN A 106 10.53 8.57 -2.99
CA GLN A 106 11.36 9.19 -1.96
C GLN A 106 12.18 8.19 -1.15
N LEU A 107 11.71 6.96 -0.97
CA LEU A 107 12.46 6.02 -0.15
C LEU A 107 13.43 5.17 -0.96
N LEU A 108 13.20 5.04 -2.27
CA LEU A 108 14.09 4.26 -3.13
C LEU A 108 15.39 5.02 -3.44
N ARG A 109 16.45 4.26 -3.63
CA ARG A 109 17.75 4.82 -3.93
C ARG A 109 17.89 5.14 -5.42
N GLU A 110 19.08 5.61 -5.81
CA GLU A 110 19.31 6.02 -7.19
C GLU A 110 19.29 4.83 -8.13
N GLN A 111 19.84 3.69 -7.69
CA GLN A 111 19.92 2.50 -8.52
C GLN A 111 18.65 1.66 -8.57
N ASP A 112 17.63 1.99 -7.78
CA ASP A 112 16.43 1.17 -7.76
C ASP A 112 15.53 1.54 -8.94
N SER A 113 14.54 0.70 -9.25
CA SER A 113 13.59 1.04 -10.30
C SER A 113 12.15 0.96 -9.83
N LEU A 114 11.28 1.69 -10.53
CA LEU A 114 9.86 1.71 -10.27
C LEU A 114 9.13 1.47 -11.59
N GLN A 115 8.17 0.57 -11.58
CA GLN A 115 7.30 0.39 -12.72
C GLN A 115 5.87 0.62 -12.25
N LEU A 116 5.27 1.70 -12.73
CA LEU A 116 4.01 2.24 -12.23
C LEU A 116 2.98 2.26 -13.34
N THR A 117 1.77 1.78 -13.04
CA THR A 117 0.67 1.77 -13.99
C THR A 117 -0.55 2.40 -13.35
N GLU A 118 -1.20 3.29 -14.10
CA GLU A 118 -2.40 4.00 -13.70
C GLU A 118 -3.27 4.11 -14.94
N LEU A 119 -4.51 3.65 -14.86
CA LEU A 119 -5.34 3.47 -16.05
C LEU A 119 -6.28 4.64 -16.32
N HIS A 120 -6.67 5.41 -15.26
CA HIS A 120 -7.72 6.42 -15.39
C HIS A 120 -7.15 7.72 -15.94
N PRO A 121 -7.86 8.34 -16.90
CA PRO A 121 -7.30 9.51 -17.60
C PRO A 121 -7.13 10.73 -16.71
N SER A 122 -7.91 10.84 -15.64
CA SER A 122 -7.75 11.97 -14.73
C SER A 122 -6.41 11.91 -13.99
N ASP A 123 -6.06 10.75 -13.45
CA ASP A 123 -4.85 10.61 -12.64
C ASP A 123 -3.61 10.42 -13.51
N TYR A 124 -3.69 9.54 -14.50
CA TYR A 124 -2.50 9.13 -15.26
C TYR A 124 -1.61 10.31 -15.67
N PRO A 125 -2.14 11.44 -16.15
CA PRO A 125 -1.24 12.56 -16.49
C PRO A 125 -0.45 13.08 -15.31
N LEU A 126 -1.10 13.21 -14.15
CA LEU A 126 -0.38 13.70 -12.97
C LEU A 126 0.72 12.73 -12.57
N LEU A 127 0.41 11.42 -12.56
CA LEU A 127 1.40 10.42 -12.21
C LEU A 127 2.63 10.56 -13.09
N ARG A 128 2.41 10.66 -14.40
CA ARG A 128 3.50 10.81 -15.34
C ARG A 128 4.33 12.07 -15.04
N SER A 129 3.65 13.16 -14.70
CA SER A 129 4.40 14.39 -14.43
C SER A 129 5.24 14.25 -13.17
N GLU A 130 4.85 13.37 -12.25
CA GLU A 130 5.58 13.15 -10.96
C GLU A 130 6.96 12.60 -11.30
N PHE A 131 7.05 11.84 -12.37
CA PHE A 131 8.29 11.17 -12.74
C PHE A 131 8.87 11.73 -14.04
N GLN A 132 8.46 12.94 -14.44
CA GLN A 132 8.96 13.49 -15.71
C GLN A 132 10.48 13.46 -15.77
N LYS A 133 11.14 13.77 -14.66
CA LYS A 133 12.59 13.83 -14.62
C LYS A 133 13.18 12.80 -13.65
N ASP A 134 12.49 11.68 -13.48
CA ASP A 134 12.99 10.56 -12.70
C ASP A 134 13.03 9.34 -13.62
N SER A 135 14.22 9.02 -14.11
CA SER A 135 14.29 7.94 -15.08
C SER A 135 14.30 6.55 -14.44
N ARG A 136 14.44 6.45 -13.12
CA ARG A 136 14.24 5.16 -12.46
C ARG A 136 12.82 4.68 -12.60
N ALA A 137 11.91 5.50 -13.12
CA ALA A 137 10.50 5.18 -13.15
C ALA A 137 10.04 4.98 -14.59
N ARG A 138 9.13 4.03 -14.75
CA ARG A 138 8.37 3.88 -15.98
C ARG A 138 6.91 3.99 -15.64
N VAL A 139 6.25 5.03 -16.15
CA VAL A 139 4.84 5.27 -15.91
C VAL A 139 4.11 4.97 -17.21
N GLU A 140 3.13 4.08 -17.12
CA GLU A 140 2.30 3.79 -18.31
C GLU A 140 0.85 3.59 -17.96
N LYS A 141 0.00 4.03 -18.84
CA LYS A 141 -1.45 3.91 -18.72
C LYS A 141 -1.86 2.52 -19.20
N ALA A 142 -1.95 1.57 -18.27
CA ALA A 142 -2.18 0.18 -18.63
C ALA A 142 -2.89 -0.55 -17.51
N ASP A 143 -3.43 -1.73 -17.84
CA ASP A 143 -4.09 -2.55 -16.85
C ASP A 143 -3.07 -3.13 -15.88
N GLY A 144 -3.18 -2.74 -14.60
CA GLY A 144 -2.17 -3.12 -13.62
C GLY A 144 -1.99 -4.62 -13.49
N PHE A 145 -3.10 -5.38 -13.47
CA PHE A 145 -2.99 -6.83 -13.38
C PHE A 145 -2.14 -7.39 -14.52
N GLN A 146 -2.21 -6.78 -15.70
CA GLN A 146 -1.43 -7.24 -16.84
C GLN A 146 0.06 -7.18 -16.55
N GLN A 147 0.50 -6.17 -15.79
CA GLN A 147 1.91 -6.01 -15.51
C GLN A 147 2.50 -7.14 -14.69
N LEU A 148 1.67 -7.89 -13.99
CA LEU A 148 2.19 -9.04 -13.26
C LEU A 148 2.61 -10.14 -14.21
N LYS A 149 1.94 -10.25 -15.36
CA LYS A 149 2.41 -11.12 -16.43
C LYS A 149 3.76 -10.64 -16.96
N ALA A 150 3.80 -9.40 -17.44
CA ALA A 150 4.90 -8.93 -18.27
C ALA A 150 6.17 -8.64 -17.48
N LYS A 151 6.08 -7.76 -16.46
CA LYS A 151 7.26 -7.11 -15.92
C LYS A 151 8.07 -7.99 -14.97
N LEU A 152 7.60 -9.20 -14.66
CA LEU A 152 8.36 -10.04 -13.76
C LEU A 152 8.90 -11.26 -14.52
N PRO A 153 10.06 -11.80 -14.10
CA PRO A 153 10.83 -11.23 -12.98
C PRO A 153 11.62 -10.01 -13.39
N PRO A 154 12.03 -9.22 -12.41
CA PRO A 154 12.89 -8.07 -12.70
C PRO A 154 14.35 -8.48 -12.83
N VAL A 155 15.03 -7.78 -13.74
CA VAL A 155 16.46 -8.06 -13.96
C VAL A 155 17.18 -8.14 -12.62
N SER A 156 16.80 -7.27 -11.69
CA SER A 156 17.39 -7.23 -10.35
C SER A 156 17.15 -8.51 -9.56
N ARG A 157 16.18 -9.32 -9.95
CA ARG A 157 15.73 -10.48 -9.16
C ARG A 157 15.40 -10.12 -7.71
N ARG A 158 15.08 -8.86 -7.42
CA ARG A 158 14.53 -8.48 -6.12
C ARG A 158 13.40 -7.50 -6.34
N GLY A 159 12.40 -7.57 -5.47
CA GLY A 159 11.28 -6.67 -5.68
C GLY A 159 10.20 -6.64 -4.63
N LEU A 160 9.55 -5.50 -4.53
CA LEU A 160 8.28 -5.34 -3.84
C LEU A 160 7.22 -5.00 -4.88
N ILE A 161 6.16 -5.81 -4.92
CA ILE A 161 5.04 -5.58 -5.82
C ILE A 161 3.85 -5.17 -4.97
N LEU A 162 3.30 -4.00 -5.25
CA LEU A 162 2.16 -3.48 -4.50
C LEU A 162 0.93 -3.52 -5.39
N ILE A 163 -0.11 -4.20 -4.91
CA ILE A 163 -1.34 -4.35 -5.67
C ILE A 163 -2.44 -3.70 -4.84
N ASP A 164 -2.92 -2.54 -5.28
CA ASP A 164 -3.79 -1.68 -4.48
C ASP A 164 -5.01 -1.25 -5.30
N PRO A 165 -5.86 -2.20 -5.66
CA PRO A 165 -7.00 -1.89 -6.55
C PRO A 165 -8.12 -1.23 -5.76
N PRO A 166 -9.02 -0.51 -6.44
CA PRO A 166 -10.07 0.22 -5.72
C PRO A 166 -11.27 -0.63 -5.36
N TYR A 167 -11.36 -1.85 -5.90
CA TYR A 167 -12.50 -2.73 -5.67
C TYR A 167 -13.82 -2.03 -5.93
N GLU A 168 -13.80 -1.01 -6.80
CA GLU A 168 -15.05 -0.41 -7.23
C GLU A 168 -15.80 -1.29 -8.22
N MET A 169 -15.13 -2.28 -8.81
CA MET A 169 -15.77 -3.34 -9.57
C MET A 169 -15.50 -4.67 -8.85
N LYS A 170 -16.55 -5.43 -8.57
CA LYS A 170 -16.40 -6.60 -7.71
C LYS A 170 -15.49 -7.66 -8.32
N THR A 171 -15.24 -7.56 -9.64
CA THR A 171 -14.30 -8.42 -10.33
C THR A 171 -12.86 -8.22 -9.86
N ASP A 172 -12.57 -7.07 -9.23
CA ASP A 172 -11.25 -6.85 -8.62
C ASP A 172 -10.93 -7.95 -7.64
N TYR A 173 -11.92 -8.40 -6.87
CA TYR A 173 -11.70 -9.52 -5.97
C TYR A 173 -11.17 -10.74 -6.70
N GLN A 174 -11.46 -10.84 -8.00
CA GLN A 174 -10.95 -11.93 -8.84
C GLN A 174 -9.54 -11.61 -9.36
N ALA A 175 -9.41 -10.48 -10.07
CA ALA A 175 -8.16 -10.18 -10.77
C ALA A 175 -6.95 -10.18 -9.85
N VAL A 176 -7.14 -9.83 -8.57
CA VAL A 176 -6.02 -9.78 -7.64
C VAL A 176 -5.45 -11.17 -7.38
N VAL A 177 -6.31 -12.17 -7.19
CA VAL A 177 -5.83 -13.51 -6.89
C VAL A 177 -5.16 -14.14 -8.10
N SER A 178 -5.75 -13.94 -9.29
CA SER A 178 -5.13 -14.52 -10.49
C SER A 178 -3.98 -13.66 -10.98
N GLY A 179 -4.05 -12.35 -10.76
CA GLY A 179 -2.87 -11.52 -10.97
C GLY A 179 -1.70 -11.96 -10.12
N ILE A 180 -1.93 -12.21 -8.84
CA ILE A 180 -0.80 -12.61 -8.00
C ILE A 180 -0.28 -13.97 -8.43
N ALA A 181 -1.18 -14.86 -8.84
CA ALA A 181 -0.75 -16.17 -9.35
C ALA A 181 0.12 -16.03 -10.60
N GLU A 182 -0.24 -15.11 -11.48
CA GLU A 182 0.56 -14.86 -12.68
C GLU A 182 1.95 -14.34 -12.31
N GLY A 183 2.02 -13.32 -11.45
CA GLY A 183 3.31 -12.84 -10.99
C GLY A 183 4.11 -13.91 -10.27
N TYR A 184 3.51 -14.55 -9.27
CA TYR A 184 4.22 -15.55 -8.48
C TYR A 184 4.87 -16.61 -9.37
N LYS A 185 4.16 -17.04 -10.42
CA LYS A 185 4.70 -18.03 -11.34
C LYS A 185 6.01 -17.55 -11.96
N ARG A 186 6.07 -16.27 -12.36
CA ARG A 186 7.26 -15.72 -13.00
C ARG A 186 8.33 -15.24 -12.02
N PHE A 187 7.98 -14.97 -10.76
CA PHE A 187 8.91 -14.40 -9.79
C PHE A 187 8.53 -14.78 -8.37
N ALA A 188 8.81 -16.04 -8.02
CA ALA A 188 8.23 -16.66 -6.83
C ALA A 188 8.86 -16.16 -5.54
N THR A 189 9.94 -15.37 -5.59
CA THR A 189 10.61 -14.86 -4.39
C THR A 189 10.34 -13.39 -4.12
N GLY A 190 9.63 -12.69 -4.99
CA GLY A 190 9.31 -11.30 -4.74
C GLY A 190 8.33 -11.16 -3.58
N THR A 191 8.28 -9.94 -3.03
CA THR A 191 7.30 -9.62 -2.00
C THR A 191 6.09 -8.99 -2.67
N TYR A 192 4.92 -9.60 -2.50
CA TYR A 192 3.68 -9.07 -3.04
C TYR A 192 2.82 -8.52 -1.88
N ALA A 193 2.43 -7.25 -1.99
CA ALA A 193 1.62 -6.61 -0.95
C ALA A 193 0.28 -6.21 -1.57
N LEU A 194 -0.81 -6.84 -1.11
CA LEU A 194 -2.14 -6.61 -1.65
C LEU A 194 -2.97 -5.87 -0.61
N TRP A 195 -3.46 -4.70 -0.99
CA TRP A 195 -4.40 -3.98 -0.14
C TRP A 195 -5.81 -4.44 -0.47
N TYR A 196 -6.68 -4.43 0.57
CA TYR A 196 -8.07 -4.77 0.37
C TYR A 196 -8.96 -3.97 1.31
N PRO A 197 -10.10 -3.47 0.84
CA PRO A 197 -11.10 -2.89 1.73
C PRO A 197 -12.12 -3.96 2.12
N VAL A 198 -12.61 -3.82 3.35
CA VAL A 198 -13.64 -4.70 3.88
C VAL A 198 -14.97 -3.99 3.84
N VAL A 199 -15.56 -3.90 2.63
CA VAL A 199 -16.91 -3.35 2.53
C VAL A 199 -17.94 -4.35 3.04
N LEU A 200 -18.03 -5.49 2.37
CA LEU A 200 -18.85 -6.63 2.75
C LEU A 200 -17.91 -7.80 3.02
N ARG A 201 -17.73 -8.13 4.30
CA ARG A 201 -16.76 -9.15 4.68
C ARG A 201 -16.78 -10.39 3.79
N GLN A 202 -17.96 -10.78 3.30
CA GLN A 202 -18.06 -12.05 2.58
C GLN A 202 -17.12 -12.10 1.38
N GLN A 203 -17.09 -11.02 0.58
CA GLN A 203 -16.23 -11.02 -0.60
C GLN A 203 -14.77 -11.09 -0.24
N ILE A 204 -14.40 -10.72 0.99
CA ILE A 204 -13.03 -10.88 1.46
C ILE A 204 -12.74 -12.34 1.78
N LYS A 205 -13.72 -13.06 2.35
CA LYS A 205 -13.51 -14.47 2.67
C LYS A 205 -13.36 -15.32 1.40
N ARG A 206 -14.17 -15.03 0.37
CA ARG A 206 -13.98 -15.67 -0.92
C ARG A 206 -12.57 -15.40 -1.46
N MET A 207 -12.16 -14.13 -1.48
CA MET A 207 -10.83 -13.76 -1.97
C MET A 207 -9.73 -14.51 -1.24
N ILE A 208 -9.75 -14.49 0.09
CA ILE A 208 -8.69 -15.16 0.84
C ILE A 208 -8.61 -16.63 0.46
N HIS A 209 -9.76 -17.26 0.21
CA HIS A 209 -9.75 -18.70 -0.09
C HIS A 209 -9.10 -18.97 -1.44
N ASP A 210 -9.54 -18.27 -2.49
CA ASP A 210 -8.86 -18.40 -3.77
C ASP A 210 -7.35 -18.21 -3.62
N LEU A 211 -6.93 -17.12 -2.99
CA LEU A 211 -5.50 -16.97 -2.70
C LEU A 211 -4.95 -18.24 -2.04
N GLU A 212 -5.71 -18.83 -1.11
CA GLU A 212 -5.25 -20.08 -0.52
C GLU A 212 -5.23 -21.20 -1.54
N ALA A 213 -6.24 -21.23 -2.43
CA ALA A 213 -6.30 -22.23 -3.48
C ALA A 213 -5.03 -22.22 -4.32
N THR A 214 -4.45 -21.03 -4.53
CA THR A 214 -3.22 -20.89 -5.31
C THR A 214 -2.11 -21.84 -4.86
N GLY A 215 -2.14 -22.29 -3.61
CA GLY A 215 -1.07 -23.11 -3.07
C GLY A 215 0.17 -22.34 -2.66
N ILE A 216 0.16 -21.00 -2.72
CA ILE A 216 1.33 -20.19 -2.38
C ILE A 216 1.53 -20.16 -0.87
N ARG A 217 2.78 -20.15 -0.45
CA ARG A 217 3.17 -20.26 0.94
C ARG A 217 3.69 -18.94 1.50
N LYS A 218 3.63 -18.83 2.83
CA LYS A 218 4.08 -17.66 3.59
C LYS A 218 3.30 -16.40 3.21
N ILE A 219 2.01 -16.43 3.55
CA ILE A 219 1.10 -15.32 3.29
C ILE A 219 0.67 -14.70 4.62
N LEU A 220 1.18 -13.51 4.90
CA LEU A 220 0.90 -12.78 6.15
C LEU A 220 -0.37 -11.93 6.00
N GLN A 221 -1.05 -11.69 7.13
CA GLN A 221 -2.25 -10.87 7.12
C GLN A 221 -2.22 -9.83 8.24
N ILE A 222 -2.57 -8.60 7.87
CA ILE A 222 -2.46 -7.42 8.74
C ILE A 222 -3.74 -6.63 8.49
N GLU A 223 -4.64 -6.57 9.49
CA GLU A 223 -5.91 -5.87 9.33
C GLU A 223 -6.10 -4.87 10.46
N LEU A 224 -6.56 -3.67 10.11
CA LEU A 224 -6.93 -2.64 11.08
C LEU A 224 -8.36 -2.22 10.77
N ALA A 225 -9.28 -2.51 11.69
CA ALA A 225 -10.68 -2.19 11.49
C ALA A 225 -11.06 -1.04 12.41
N VAL A 226 -11.83 -0.10 11.88
CA VAL A 226 -12.29 1.03 12.66
C VAL A 226 -13.65 0.75 13.28
N LEU A 227 -14.51 0.02 12.57
CA LEU A 227 -15.83 -0.40 13.05
C LEU A 227 -15.98 -1.88 12.89
N PRO A 228 -17.04 -2.47 13.42
CA PRO A 228 -17.32 -3.89 13.18
C PRO A 228 -17.84 -4.11 11.77
N ASP A 229 -17.77 -5.37 11.33
CA ASP A 229 -18.36 -5.73 10.05
C ASP A 229 -19.82 -5.31 10.02
N SER A 230 -20.16 -4.47 9.05
CA SER A 230 -21.47 -3.86 8.95
C SER A 230 -21.99 -4.00 7.53
N ASP A 231 -23.31 -4.09 7.39
CA ASP A 231 -23.91 -3.97 6.08
C ASP A 231 -24.22 -2.50 5.81
N ARG A 232 -24.09 -2.11 4.54
CA ARG A 232 -24.33 -0.75 4.06
C ARG A 232 -23.89 0.33 5.05
N ARG A 233 -22.64 0.27 5.52
CA ARG A 233 -21.98 1.37 6.29
C ARG A 233 -20.58 1.51 5.65
N GLY A 234 -20.47 1.22 4.36
CA GLY A 234 -19.24 1.39 3.63
C GLY A 234 -18.11 0.56 4.21
N MET A 235 -16.89 1.03 3.98
CA MET A 235 -15.68 0.29 4.32
C MET A 235 -15.47 0.37 5.83
N THR A 236 -15.56 -0.79 6.50
CA THR A 236 -15.39 -0.86 7.95
C THR A 236 -13.95 -1.10 8.37
N ALA A 237 -13.11 -1.57 7.46
CA ALA A 237 -11.74 -1.94 7.79
C ALA A 237 -10.97 -2.07 6.47
N SER A 238 -9.68 -2.35 6.60
CA SER A 238 -8.78 -2.53 5.46
C SER A 238 -7.62 -3.39 5.93
N GLY A 239 -6.89 -3.95 4.98
CA GLY A 239 -5.79 -4.82 5.36
C GLY A 239 -4.75 -4.91 4.25
N MET A 240 -3.59 -5.44 4.63
CA MET A 240 -2.48 -5.71 3.73
C MET A 240 -2.23 -7.21 3.76
N ILE A 241 -2.28 -7.87 2.61
CA ILE A 241 -1.87 -9.27 2.51
C ILE A 241 -0.49 -9.32 1.86
N VAL A 242 0.52 -9.78 2.59
CA VAL A 242 1.89 -9.79 2.11
C VAL A 242 2.32 -11.23 1.88
N ILE A 243 2.59 -11.58 0.62
CA ILE A 243 3.25 -12.85 0.25
C ILE A 243 4.76 -12.64 0.33
N ASN A 244 5.44 -13.55 1.01
CA ASN A 244 6.89 -13.43 1.22
C ASN A 244 7.24 -12.15 1.96
N PRO A 245 6.55 -11.87 3.06
CA PRO A 245 6.91 -10.70 3.88
C PRO A 245 8.34 -10.82 4.37
N PRO A 246 9.08 -9.71 4.40
CA PRO A 246 10.39 -9.69 5.06
C PRO A 246 10.29 -10.16 6.49
N TRP A 247 11.33 -10.86 6.95
CA TRP A 247 11.15 -11.73 8.12
C TRP A 247 10.63 -10.99 9.35
N LYS A 248 11.03 -9.73 9.54
CA LYS A 248 10.66 -8.97 10.72
C LYS A 248 9.50 -8.02 10.48
N LEU A 249 8.77 -8.19 9.37
CA LEU A 249 7.57 -7.41 9.16
C LEU A 249 6.48 -7.79 10.17
N GLU A 250 6.33 -9.09 10.46
CA GLU A 250 5.27 -9.51 11.39
C GLU A 250 5.51 -8.95 12.79
N GLN A 251 6.77 -8.88 13.21
CA GLN A 251 7.08 -8.33 14.53
C GLN A 251 6.92 -6.82 14.55
N GLN A 252 7.31 -6.15 13.45
CA GLN A 252 7.16 -4.70 13.39
C GLN A 252 5.69 -4.32 13.47
N MET A 253 4.82 -5.05 12.75
CA MET A 253 3.40 -4.76 12.79
C MET A 253 2.75 -5.10 14.13
N ASN A 254 3.32 -6.03 14.90
CA ASN A 254 2.80 -6.32 16.23
C ASN A 254 3.25 -5.28 17.23
N ASN A 255 4.44 -4.72 17.03
CA ASN A 255 4.89 -3.58 17.81
C ASN A 255 4.00 -2.36 17.56
N VAL A 256 3.74 -2.05 16.29
CA VAL A 256 3.21 -0.74 15.92
C VAL A 256 1.70 -0.69 15.71
N LEU A 257 1.03 -1.83 15.56
CA LEU A 257 -0.37 -1.80 15.15
C LEU A 257 -1.32 -1.43 16.29
N PRO A 258 -1.14 -1.95 17.50
CA PRO A 258 -1.96 -1.45 18.61
C PRO A 258 -1.86 0.06 18.77
N TRP A 259 -0.64 0.59 18.66
CA TRP A 259 -0.44 2.03 18.72
C TRP A 259 -1.21 2.73 17.60
N LEU A 260 -0.97 2.31 16.37
CA LEU A 260 -1.76 2.82 15.25
C LEU A 260 -3.24 2.81 15.59
N HIS A 261 -3.74 1.70 16.14
CA HIS A 261 -5.18 1.59 16.31
C HIS A 261 -5.68 2.55 17.38
N SER A 262 -4.91 2.72 18.46
CA SER A 262 -5.37 3.63 19.49
C SER A 262 -5.33 5.09 19.03
N LYS A 263 -4.42 5.42 18.10
CA LYS A 263 -4.33 6.79 17.60
C LYS A 263 -5.37 7.07 16.52
N LEU A 264 -5.55 6.14 15.58
CA LEU A 264 -6.50 6.32 14.49
C LEU A 264 -7.96 6.15 14.93
N VAL A 265 -8.21 5.24 15.87
CA VAL A 265 -9.53 4.90 16.39
C VAL A 265 -9.61 5.22 17.88
N PRO A 266 -9.47 6.49 18.29
CA PRO A 266 -9.45 6.79 19.72
C PRO A 266 -10.71 6.36 20.47
N ALA A 267 -11.82 6.08 19.78
CA ALA A 267 -13.04 5.68 20.47
C ALA A 267 -13.15 4.15 20.64
N GLY A 268 -12.12 3.39 20.30
CA GLY A 268 -12.00 2.02 20.75
C GLY A 268 -12.78 0.99 19.98
N THR A 269 -13.36 1.33 18.83
CA THR A 269 -14.08 0.36 18.02
C THR A 269 -13.11 -0.42 17.13
N GLY A 270 -13.60 -1.54 16.60
CA GLY A 270 -12.82 -2.33 15.66
C GLY A 270 -11.83 -3.29 16.28
N HIS A 271 -10.76 -3.55 15.55
CA HIS A 271 -9.70 -4.49 15.99
C HIS A 271 -8.45 -4.25 15.16
N ALA A 272 -7.37 -4.92 15.55
CA ALA A 272 -6.09 -4.75 14.85
C ALA A 272 -5.29 -6.03 15.04
N THR A 273 -5.21 -6.86 13.98
CA THR A 273 -4.62 -8.19 14.10
C THR A 273 -3.57 -8.44 13.03
N VAL A 274 -2.67 -9.37 13.38
CA VAL A 274 -1.51 -9.78 12.58
C VAL A 274 -1.36 -11.30 12.61
N SER A 275 -1.85 -11.98 11.57
CA SER A 275 -1.89 -13.44 11.53
C SER A 275 -1.37 -13.97 10.17
N TRP A 276 -1.33 -15.29 10.04
CA TRP A 276 -0.79 -15.96 8.86
C TRP A 276 -1.93 -16.63 8.11
N ILE A 277 -2.16 -16.20 6.87
CA ILE A 277 -3.17 -16.85 6.04
C ILE A 277 -2.67 -18.21 5.56
N VAL A 278 -1.37 -18.29 5.27
CA VAL A 278 -0.70 -19.53 4.89
C VAL A 278 0.67 -19.49 5.53
N PRO A 279 1.06 -20.53 6.28
CA PRO A 279 2.15 -20.36 7.25
C PRO A 279 3.53 -20.24 6.64
N GLU A 280 3.80 -20.94 5.53
CA GLU A 280 5.13 -21.05 4.90
C GLU A 280 5.40 -22.51 4.58
#